data_1YHC
#
_entry.id   1YHC
#
_cell.length_a   101.279
_cell.length_b   101.279
_cell.length_c   122.745
_cell.angle_alpha   90.00
_cell.angle_beta   90.00
_cell.angle_gamma   120.00
#
_symmetry.space_group_name_H-M   'P 61'
#
loop_
_entity.id
_entity.type
_entity.pdbx_description
1 polymer 'UDP-3-O-[3-hydroxymyristoyl] N-acetylglucosamine deacetylase'
2 non-polymer 'ZINC ION'
3 non-polymer 'CACODYLATE ION'
4 non-polymer 'SULFATE ION'
5 non-polymer 'CHLORIDE ION'
6 non-polymer 'PALMITOLEIC ACID'
7 non-polymer GLYCEROL
8 water water
#
_entity_poly.entity_id   1
_entity_poly.type   'polypeptide(L)'
_entity_poly.pdbx_seq_one_letter_code
;GLEKTVKEKLSFEGVGIHTGEYSKLIIHPEKEGTGIRFFKNGVYIPARHEFVVHTNHSTDLGFKGQRIKTVEHILSVLHL
LEITNVTIEVIGNEIPILDGSGWEFYEAIRKNILNQNREIDYFVVEEPIIVEDEGRLIKAEPSDTLEVTYEGEFKNFLGR
QKFTFVEGNEEEIVLARTFAFDWEIEHIKKVGLGKGGSLKNTLVLGKDKVYNPEGLRYENEPVRHKVFDLIGDLYLLGSP
VKGKFYSFRGGHSLNVKLVKELAKKQKLTR
;
_entity_poly.pdbx_strand_id   A,B
#
loop_
_chem_comp.id
_chem_comp.type
_chem_comp.name
_chem_comp.formula
CAC non-polymer 'CACODYLATE ION' 'C2 H6 As O2 -1'
CL non-polymer 'CHLORIDE ION' 'Cl -1'
GOL non-polymer GLYCEROL 'C3 H8 O3'
PAM non-polymer 'PALMITOLEIC ACID' 'C16 H30 O2'
SO4 non-polymer 'SULFATE ION' 'O4 S -2'
ZN non-polymer 'ZINC ION' 'Zn 2'
#
# COMPACT_ATOMS: atom_id res chain seq x y z
N GLY A 1 -29.37 -11.40 29.27
CA GLY A 1 -28.52 -12.41 28.60
C GLY A 1 -27.50 -13.01 29.55
N LEU A 2 -27.01 -14.20 29.22
CA LEU A 2 -26.03 -14.87 30.06
C LEU A 2 -24.62 -14.49 29.66
N GLU A 3 -23.72 -14.42 30.64
CA GLU A 3 -22.33 -14.10 30.34
C GLU A 3 -21.81 -15.14 29.36
N LYS A 4 -20.82 -14.76 28.56
CA LYS A 4 -20.25 -15.67 27.58
C LYS A 4 -18.74 -15.56 27.46
N THR A 5 -18.13 -16.63 26.98
CA THR A 5 -16.70 -16.70 26.74
C THR A 5 -16.56 -17.54 25.48
N VAL A 6 -15.35 -17.89 25.09
CA VAL A 6 -15.16 -18.69 23.90
C VAL A 6 -14.96 -20.15 24.32
N LYS A 7 -15.40 -21.07 23.47
CA LYS A 7 -15.28 -22.50 23.76
C LYS A 7 -13.85 -23.00 23.74
N GLU A 8 -12.97 -22.27 23.05
CA GLU A 8 -11.57 -22.66 22.98
C GLU A 8 -10.71 -21.48 22.50
N LYS A 9 -9.39 -21.64 22.61
CA LYS A 9 -8.46 -20.61 22.19
C LYS A 9 -8.63 -20.26 20.72
N LEU A 10 -8.68 -18.97 20.43
CA LEU A 10 -8.82 -18.48 19.07
C LEU A 10 -7.60 -17.59 18.80
N SER A 11 -7.01 -17.73 17.62
CA SER A 11 -5.84 -16.92 17.31
C SER A 11 -5.99 -16.16 16.00
N PHE A 12 -5.42 -14.96 15.97
CA PHE A 12 -5.42 -14.11 14.79
C PHE A 12 -4.05 -13.44 14.69
N GLU A 13 -3.62 -13.12 13.49
CA GLU A 13 -2.33 -12.47 13.30
C GLU A 13 -2.32 -11.63 12.04
N GLY A 14 -1.42 -10.66 12.00
CA GLY A 14 -1.32 -9.79 10.84
C GLY A 14 -0.70 -8.46 11.20
N VAL A 15 -0.52 -7.61 10.22
CA VAL A 15 0.07 -6.30 10.43
C VAL A 15 -0.86 -5.38 11.22
N GLY A 16 -0.27 -4.44 11.93
CA GLY A 16 -1.03 -3.47 12.69
C GLY A 16 -1.12 -2.26 11.77
N ILE A 17 -2.30 -1.66 11.65
CA ILE A 17 -2.47 -0.52 10.75
C ILE A 17 -1.59 0.69 11.06
N HIS A 18 -1.33 0.96 12.33
CA HIS A 18 -0.49 2.12 12.68
C HIS A 18 1.00 1.83 12.85
N THR A 19 1.34 0.76 13.56
CA THR A 19 2.75 0.43 13.77
C THR A 19 3.38 -0.17 12.52
N GLY A 20 2.57 -0.81 11.69
CA GLY A 20 3.09 -1.45 10.49
C GLY A 20 3.86 -2.70 10.87
N GLU A 21 3.75 -3.10 12.14
CA GLU A 21 4.44 -4.30 12.63
C GLU A 21 3.51 -5.50 12.64
N TYR A 22 4.09 -6.69 12.63
CA TYR A 22 3.33 -7.92 12.66
C TYR A 22 3.02 -8.31 14.10
N SER A 23 1.77 -8.64 14.39
CA SER A 23 1.39 -9.03 15.75
C SER A 23 0.45 -10.22 15.72
N LYS A 24 0.31 -10.87 16.87
CA LYS A 24 -0.55 -12.03 16.98
C LYS A 24 -1.44 -11.94 18.22
N LEU A 25 -2.66 -12.45 18.08
CA LEU A 25 -3.62 -12.46 19.17
C LEU A 25 -3.98 -13.88 19.54
N ILE A 26 -4.24 -14.10 20.82
CA ILE A 26 -4.66 -15.40 21.32
C ILE A 26 -5.78 -15.10 22.31
N ILE A 27 -7.00 -15.43 21.92
CA ILE A 27 -8.15 -15.19 22.78
C ILE A 27 -8.37 -16.38 23.69
N HIS A 28 -8.16 -16.16 24.98
CA HIS A 28 -8.30 -17.19 26.00
C HIS A 28 -9.63 -17.20 26.72
N PRO A 29 -10.21 -18.39 26.92
CA PRO A 29 -11.50 -18.48 27.62
C PRO A 29 -11.25 -18.10 29.07
N GLU A 30 -12.27 -17.57 29.74
CA GLU A 30 -12.15 -17.19 31.14
C GLU A 30 -13.47 -17.50 31.83
N LYS A 31 -13.44 -17.71 33.14
CA LYS A 31 -14.64 -18.03 33.90
C LYS A 31 -15.50 -16.79 34.19
N GLU A 32 -16.68 -17.03 34.76
CA GLU A 32 -17.61 -15.96 35.11
C GLU A 32 -16.98 -14.89 35.98
N GLY A 33 -17.40 -13.65 35.76
CA GLY A 33 -16.91 -12.54 36.56
C GLY A 33 -15.50 -12.04 36.25
N THR A 34 -14.88 -12.53 35.19
CA THR A 34 -13.53 -12.10 34.84
C THR A 34 -13.53 -10.74 34.13
N GLY A 35 -14.45 -10.57 33.19
CA GLY A 35 -14.52 -9.34 32.43
C GLY A 35 -13.62 -9.45 31.21
N ILE A 36 -13.56 -8.40 30.40
CA ILE A 36 -12.71 -8.41 29.22
C ILE A 36 -11.39 -7.72 29.55
N ARG A 37 -10.28 -8.37 29.24
CA ARG A 37 -8.96 -7.81 29.53
C ARG A 37 -7.92 -8.26 28.54
N PHE A 38 -6.88 -7.45 28.36
CA PHE A 38 -5.80 -7.81 27.47
C PHE A 38 -4.63 -8.30 28.32
N PHE A 39 -3.69 -8.99 27.70
CA PHE A 39 -2.53 -9.51 28.40
C PHE A 39 -1.32 -9.32 27.49
N LYS A 40 -0.28 -8.70 28.01
CA LYS A 40 0.93 -8.45 27.23
C LYS A 40 2.14 -8.38 28.16
N ASN A 41 3.15 -9.19 27.85
CA ASN A 41 4.38 -9.23 28.64
C ASN A 41 4.14 -9.32 30.15
N GLY A 42 3.28 -10.24 30.57
CA GLY A 42 3.01 -10.43 31.98
C GLY A 42 2.09 -9.44 32.66
N VAL A 43 1.49 -8.53 31.91
CA VAL A 43 0.59 -7.54 32.51
C VAL A 43 -0.83 -7.64 31.96
N TYR A 44 -1.81 -7.64 32.87
CA TYR A 44 -3.21 -7.69 32.45
C TYR A 44 -3.71 -6.26 32.35
N ILE A 45 -4.29 -5.92 31.20
CA ILE A 45 -4.82 -4.57 31.00
C ILE A 45 -6.33 -4.67 30.78
N PRO A 46 -7.11 -4.24 31.78
CA PRO A 46 -8.58 -4.31 31.66
C PRO A 46 -9.09 -3.45 30.50
N ALA A 47 -10.10 -3.93 29.80
CA ALA A 47 -10.69 -3.17 28.70
C ALA A 47 -11.66 -2.18 29.33
N ARG A 48 -11.11 -1.20 30.04
CA ARG A 48 -11.90 -0.19 30.72
C ARG A 48 -11.30 1.18 30.44
N HIS A 49 -12.14 2.21 30.47
CA HIS A 49 -11.73 3.57 30.18
C HIS A 49 -10.58 4.13 31.03
N GLU A 50 -10.40 3.60 32.23
CA GLU A 50 -9.32 4.10 33.08
C GLU A 50 -7.95 3.79 32.50
N PHE A 51 -7.88 2.83 31.59
CA PHE A 51 -6.61 2.47 30.99
C PHE A 51 -6.36 3.03 29.59
N VAL A 52 -7.22 3.94 29.15
CA VAL A 52 -7.02 4.55 27.84
C VAL A 52 -5.85 5.52 27.94
N VAL A 53 -4.93 5.45 26.98
CA VAL A 53 -3.76 6.34 27.00
C VAL A 53 -3.63 7.19 25.73
N HIS A 54 -4.40 6.87 24.70
CA HIS A 54 -4.34 7.60 23.43
C HIS A 54 -5.64 7.41 22.66
N THR A 55 -6.14 8.49 22.02
CA THR A 55 -7.37 8.40 21.25
C THR A 55 -7.30 9.03 19.86
N ASN A 56 -6.08 9.34 19.39
CA ASN A 56 -5.91 9.93 18.08
C ASN A 56 -5.71 8.88 16.98
N HIS A 57 -6.75 8.67 16.17
CA HIS A 57 -6.72 7.71 15.06
C HIS A 57 -6.88 6.24 15.49
N SER A 58 -7.04 6.03 16.79
CA SER A 58 -7.27 4.71 17.37
C SER A 58 -7.43 4.87 18.88
N THR A 59 -7.96 3.83 19.53
CA THR A 59 -8.13 3.86 20.97
C THR A 59 -7.07 2.92 21.51
N ASP A 60 -6.13 3.46 22.29
CA ASP A 60 -5.04 2.65 22.83
C ASP A 60 -5.13 2.53 24.34
N LEU A 61 -4.75 1.36 24.86
CA LEU A 61 -4.77 1.09 26.30
C LEU A 61 -3.37 0.81 26.83
N GLY A 62 -3.17 1.02 28.13
CA GLY A 62 -1.88 0.76 28.72
C GLY A 62 -1.95 0.65 30.23
N PHE A 63 -0.96 -0.02 30.81
CA PHE A 63 -0.87 -0.20 32.26
C PHE A 63 0.49 -0.78 32.59
N LYS A 64 1.11 -0.25 33.66
CA LYS A 64 2.42 -0.71 34.10
C LYS A 64 3.49 -0.78 33.02
N GLY A 65 3.56 0.25 32.17
CA GLY A 65 4.56 0.27 31.12
C GLY A 65 4.27 -0.54 29.88
N GLN A 66 3.11 -1.19 29.80
CA GLN A 66 2.77 -1.99 28.63
C GLN A 66 1.61 -1.34 27.89
N ARG A 67 1.77 -1.14 26.59
CA ARG A 67 0.73 -0.49 25.79
C ARG A 67 0.26 -1.35 24.63
N ILE A 68 -1.01 -1.16 24.26
CA ILE A 68 -1.60 -1.89 23.14
C ILE A 68 -2.44 -0.90 22.34
N LYS A 69 -2.11 -0.76 21.06
CA LYS A 69 -2.83 0.16 20.18
C LYS A 69 -3.97 -0.51 19.43
N THR A 70 -4.97 0.31 19.08
CA THR A 70 -6.09 -0.11 18.26
C THR A 70 -6.93 -1.27 18.77
N VAL A 71 -7.56 -1.10 19.92
CA VAL A 71 -8.39 -2.15 20.50
C VAL A 71 -9.87 -2.00 20.12
N GLU A 72 -10.23 -0.94 19.42
CA GLU A 72 -11.62 -0.68 19.08
C GLU A 72 -12.39 -1.72 18.27
N HIS A 73 -11.75 -2.36 17.30
CA HIS A 73 -12.46 -3.35 16.48
C HIS A 73 -12.69 -4.69 17.17
N ILE A 74 -11.69 -5.21 17.86
CA ILE A 74 -11.88 -6.46 18.56
C ILE A 74 -12.88 -6.24 19.71
N LEU A 75 -12.81 -5.08 20.37
CA LEU A 75 -13.74 -4.81 21.47
C LEU A 75 -15.18 -4.64 20.98
N SER A 76 -15.35 -4.04 19.79
CA SER A 76 -16.69 -3.85 19.24
C SER A 76 -17.33 -5.21 18.98
N VAL A 77 -16.57 -6.11 18.36
CA VAL A 77 -17.05 -7.44 18.05
C VAL A 77 -17.42 -8.19 19.33
N LEU A 78 -16.55 -8.10 20.34
CA LEU A 78 -16.83 -8.77 21.61
C LEU A 78 -18.11 -8.21 22.23
N HIS A 79 -18.27 -6.88 22.15
CA HIS A 79 -19.45 -6.21 22.69
C HIS A 79 -20.72 -6.70 21.97
N LEU A 80 -20.67 -6.68 20.64
CA LEU A 80 -21.79 -7.09 19.81
C LEU A 80 -22.26 -8.52 20.08
N LEU A 81 -21.30 -9.41 20.37
CA LEU A 81 -21.63 -10.81 20.64
C LEU A 81 -21.80 -11.10 22.13
N GLU A 82 -21.72 -10.05 22.94
CA GLU A 82 -21.85 -10.20 24.39
C GLU A 82 -20.84 -11.16 25.02
N ILE A 83 -19.62 -11.18 24.49
CA ILE A 83 -18.58 -12.01 25.10
C ILE A 83 -18.16 -11.13 26.27
N THR A 84 -18.35 -11.64 27.50
CA THR A 84 -18.04 -10.87 28.70
C THR A 84 -16.81 -11.31 29.49
N ASN A 85 -16.30 -12.50 29.19
CA ASN A 85 -15.14 -13.02 29.91
C ASN A 85 -14.12 -13.64 28.97
N VAL A 86 -13.01 -12.93 28.74
CA VAL A 86 -11.94 -13.43 27.88
C VAL A 86 -10.68 -12.62 28.10
N THR A 87 -9.55 -13.25 27.79
CA THR A 87 -8.28 -12.58 27.89
C THR A 87 -7.71 -12.54 26.48
N ILE A 88 -7.44 -11.33 26.00
CA ILE A 88 -6.88 -11.16 24.68
C ILE A 88 -5.38 -10.98 24.86
N GLU A 89 -4.64 -12.07 24.71
CA GLU A 89 -3.20 -12.02 24.85
C GLU A 89 -2.66 -11.42 23.57
N VAL A 90 -1.83 -10.39 23.69
CA VAL A 90 -1.26 -9.74 22.52
C VAL A 90 0.25 -9.88 22.45
N ILE A 91 0.71 -10.52 21.38
CA ILE A 91 2.14 -10.68 21.16
C ILE A 91 2.45 -9.63 20.10
N GLY A 92 2.79 -8.44 20.56
CA GLY A 92 3.07 -7.33 19.67
C GLY A 92 2.64 -6.05 20.34
N ASN A 93 2.59 -4.96 19.57
CA ASN A 93 2.23 -3.66 20.12
C ASN A 93 0.88 -3.13 19.68
N GLU A 94 0.18 -3.88 18.85
CA GLU A 94 -1.11 -3.43 18.34
C GLU A 94 -1.96 -4.60 17.86
N ILE A 95 -3.27 -4.43 17.90
CA ILE A 95 -4.19 -5.47 17.44
C ILE A 95 -4.09 -5.52 15.91
N PRO A 96 -4.03 -6.72 15.31
CA PRO A 96 -3.94 -6.80 13.84
C PRO A 96 -5.18 -6.12 13.24
N ILE A 97 -5.00 -5.36 12.17
CA ILE A 97 -6.12 -4.66 11.54
C ILE A 97 -6.91 -5.56 10.60
N LEU A 98 -6.25 -6.60 10.08
CA LEU A 98 -6.86 -7.55 9.14
C LEU A 98 -7.38 -6.79 7.93
N ASP A 99 -8.66 -6.94 7.56
CA ASP A 99 -9.15 -6.20 6.38
C ASP A 99 -9.75 -4.84 6.73
N GLY A 100 -9.57 -4.41 7.98
CA GLY A 100 -10.10 -3.12 8.38
C GLY A 100 -11.48 -3.17 9.02
N SER A 101 -12.11 -4.34 9.00
CA SER A 101 -13.44 -4.49 9.60
C SER A 101 -13.38 -5.51 10.73
N GLY A 102 -14.53 -5.88 11.29
CA GLY A 102 -14.54 -6.86 12.36
C GLY A 102 -14.98 -8.24 11.87
N TRP A 103 -15.13 -8.38 10.55
CA TRP A 103 -15.60 -9.64 9.97
C TRP A 103 -14.90 -10.93 10.39
N GLU A 104 -13.58 -10.98 10.26
CA GLU A 104 -12.84 -12.19 10.62
C GLU A 104 -13.01 -12.51 12.11
N PHE A 105 -12.94 -11.49 12.95
CA PHE A 105 -13.11 -11.67 14.40
C PHE A 105 -14.52 -12.18 14.67
N TYR A 106 -15.50 -11.50 14.10
CA TYR A 106 -16.90 -11.82 14.28
C TYR A 106 -17.26 -13.26 13.90
N GLU A 107 -16.83 -13.69 12.71
CA GLU A 107 -17.11 -15.03 12.22
C GLU A 107 -16.47 -16.13 13.07
N ALA A 108 -15.21 -15.94 13.44
CA ALA A 108 -14.51 -16.94 14.23
C ALA A 108 -15.10 -17.03 15.64
N ILE A 109 -15.29 -15.89 16.29
CA ILE A 109 -15.82 -15.87 17.65
C ILE A 109 -17.28 -16.31 17.76
N ARG A 110 -18.10 -15.89 16.80
CA ARG A 110 -19.52 -16.23 16.80
C ARG A 110 -19.79 -17.73 16.86
N LYS A 111 -19.00 -18.52 16.12
CA LYS A 111 -19.20 -19.96 16.12
C LYS A 111 -18.45 -20.65 17.25
N ASN A 112 -18.04 -19.88 18.25
CA ASN A 112 -17.33 -20.44 19.39
C ASN A 112 -17.83 -19.85 20.70
N ILE A 113 -19.08 -19.40 20.69
CA ILE A 113 -19.67 -18.82 21.89
C ILE A 113 -20.02 -19.90 22.91
N LEU A 114 -19.70 -19.63 24.16
CA LEU A 114 -19.99 -20.55 25.26
C LEU A 114 -20.76 -19.80 26.34
N ASN A 115 -22.04 -20.13 26.48
CA ASN A 115 -22.86 -19.48 27.50
C ASN A 115 -22.41 -19.95 28.87
N GLN A 116 -22.40 -19.02 29.83
CA GLN A 116 -21.95 -19.32 31.18
C GLN A 116 -23.07 -19.21 32.21
N ASN A 117 -22.73 -19.44 33.47
CA ASN A 117 -23.74 -19.44 34.53
C ASN A 117 -23.93 -18.17 35.34
N ARG A 118 -24.16 -17.07 34.65
CA ARG A 118 -24.38 -15.80 35.31
C ARG A 118 -25.09 -14.83 34.38
N GLU A 119 -26.05 -14.08 34.92
CA GLU A 119 -26.77 -13.10 34.12
C GLU A 119 -25.81 -11.92 33.95
N ILE A 120 -25.73 -11.41 32.73
CA ILE A 120 -24.86 -10.27 32.46
C ILE A 120 -25.27 -9.06 33.29
N ASP A 121 -24.28 -8.34 33.79
CA ASP A 121 -24.55 -7.14 34.57
C ASP A 121 -24.31 -5.94 33.65
N TYR A 122 -25.33 -5.60 32.87
CA TYR A 122 -25.24 -4.49 31.90
C TYR A 122 -25.02 -3.11 32.49
N PHE A 123 -24.33 -2.26 31.72
CA PHE A 123 -24.15 -0.88 32.15
C PHE A 123 -25.36 -0.22 31.52
N VAL A 124 -26.27 0.27 32.33
CA VAL A 124 -27.49 0.89 31.84
C VAL A 124 -27.47 2.40 31.96
N VAL A 125 -27.58 3.08 30.83
CA VAL A 125 -27.61 4.54 30.84
C VAL A 125 -28.89 4.90 31.58
N GLU A 126 -28.77 5.66 32.65
CA GLU A 126 -29.93 6.03 33.45
C GLU A 126 -30.52 7.39 33.15
N GLU A 127 -29.68 8.36 32.82
CA GLU A 127 -30.16 9.69 32.51
C GLU A 127 -29.45 10.25 31.28
N PRO A 128 -30.15 11.11 30.52
CA PRO A 128 -29.59 11.72 29.31
C PRO A 128 -28.30 12.48 29.58
N ILE A 129 -27.37 12.41 28.63
CA ILE A 129 -26.10 13.10 28.76
C ILE A 129 -25.59 13.52 27.39
N ILE A 130 -24.97 14.69 27.33
CA ILE A 130 -24.44 15.21 26.08
C ILE A 130 -23.00 15.70 26.26
N VAL A 131 -22.13 15.31 25.33
CA VAL A 131 -20.74 15.76 25.35
C VAL A 131 -20.53 16.43 24.00
N GLU A 132 -19.77 17.52 23.98
CA GLU A 132 -19.52 18.23 22.74
C GLU A 132 -18.06 18.62 22.62
N ASP A 133 -17.65 18.92 21.39
CA ASP A 133 -16.29 19.33 21.11
C ASP A 133 -16.21 19.84 19.67
N GLU A 134 -15.95 21.14 19.52
CA GLU A 134 -15.82 21.76 18.21
C GLU A 134 -16.81 21.22 17.18
N GLY A 135 -18.09 21.48 17.39
CA GLY A 135 -19.10 21.01 16.45
C GLY A 135 -19.50 19.56 16.61
N ARG A 136 -18.59 18.73 17.12
CA ARG A 136 -18.88 17.32 17.33
C ARG A 136 -19.75 17.15 18.56
N LEU A 137 -20.65 16.18 18.53
CA LEU A 137 -21.53 15.94 19.65
C LEU A 137 -22.01 14.49 19.75
N ILE A 138 -22.16 14.02 20.97
CA ILE A 138 -22.66 12.66 21.21
C ILE A 138 -23.65 12.72 22.35
N LYS A 139 -24.83 12.16 22.12
CA LYS A 139 -25.87 12.14 23.14
C LYS A 139 -26.20 10.71 23.53
N ALA A 140 -26.37 10.48 24.83
CA ALA A 140 -26.72 9.16 25.33
C ALA A 140 -27.98 9.31 26.18
N GLU A 141 -28.88 8.33 26.07
CA GLU A 141 -30.11 8.34 26.85
C GLU A 141 -30.58 6.92 27.14
N PRO A 142 -31.45 6.76 28.13
CA PRO A 142 -31.98 5.44 28.53
C PRO A 142 -32.63 4.67 27.40
N SER A 143 -32.46 3.34 27.44
CA SER A 143 -33.03 2.43 26.45
C SER A 143 -32.78 0.99 26.90
N ASP A 144 -33.79 0.13 26.75
CA ASP A 144 -33.67 -1.27 27.16
C ASP A 144 -32.74 -2.03 26.22
N THR A 145 -32.62 -1.53 24.99
CA THR A 145 -31.79 -2.15 23.97
C THR A 145 -30.68 -1.19 23.56
N LEU A 146 -29.61 -1.72 22.99
CA LEU A 146 -28.51 -0.87 22.53
C LEU A 146 -28.86 -0.36 21.14
N GLU A 147 -28.90 0.96 20.99
CA GLU A 147 -29.20 1.58 19.71
C GLU A 147 -28.14 2.63 19.49
N VAL A 148 -27.46 2.57 18.35
CA VAL A 148 -26.40 3.53 18.05
C VAL A 148 -26.53 4.16 16.66
N THR A 149 -26.65 5.48 16.64
CA THR A 149 -26.77 6.21 15.38
C THR A 149 -25.57 7.13 15.19
N TYR A 150 -24.98 7.09 14.00
CA TYR A 150 -23.87 7.97 13.70
C TYR A 150 -24.23 8.80 12.48
N GLU A 151 -24.03 10.11 12.60
CA GLU A 151 -24.29 11.01 11.50
C GLU A 151 -23.00 11.74 11.14
N GLY A 152 -22.57 11.57 9.89
CA GLY A 152 -21.36 12.22 9.45
C GLY A 152 -21.66 13.41 8.56
N GLU A 153 -20.69 14.31 8.47
CA GLU A 153 -20.78 15.51 7.65
C GLU A 153 -19.42 15.60 6.98
N PHE A 154 -19.24 14.85 5.90
CA PHE A 154 -17.97 14.81 5.21
C PHE A 154 -17.77 15.89 4.17
N LYS A 155 -16.50 16.27 3.98
CA LYS A 155 -16.12 17.31 3.05
C LYS A 155 -15.80 16.75 1.66
N ASN A 156 -16.43 15.64 1.31
CA ASN A 156 -16.23 15.05 -0.01
C ASN A 156 -17.59 14.62 -0.53
N PHE A 157 -17.61 13.77 -1.56
CA PHE A 157 -18.86 13.32 -2.15
C PHE A 157 -19.84 12.66 -1.16
N LEU A 158 -19.34 12.12 -0.06
CA LEU A 158 -20.19 11.47 0.93
C LEU A 158 -21.24 12.44 1.48
N GLY A 159 -20.84 13.71 1.63
CA GLY A 159 -21.75 14.70 2.15
C GLY A 159 -22.26 14.35 3.54
N ARG A 160 -23.56 14.52 3.74
CA ARG A 160 -24.16 14.21 5.03
C ARG A 160 -25.00 12.94 4.98
N GLN A 161 -24.64 11.99 5.83
CA GLN A 161 -25.36 10.71 5.89
C GLN A 161 -25.32 10.16 7.31
N LYS A 162 -26.25 9.27 7.61
CA LYS A 162 -26.32 8.68 8.94
C LYS A 162 -26.72 7.21 8.84
N PHE A 163 -26.44 6.46 9.90
CA PHE A 163 -26.78 5.05 9.95
C PHE A 163 -27.12 4.66 11.38
N THR A 164 -28.17 3.87 11.54
CA THR A 164 -28.61 3.44 12.85
C THR A 164 -28.49 1.93 13.06
N PHE A 165 -27.78 1.54 14.11
CA PHE A 165 -27.63 0.14 14.47
C PHE A 165 -28.62 -0.14 15.61
N VAL A 166 -29.25 -1.30 15.56
CA VAL A 166 -30.16 -1.75 16.61
C VAL A 166 -29.81 -3.21 16.82
N GLU A 167 -30.06 -3.71 18.04
CA GLU A 167 -29.77 -5.11 18.35
C GLU A 167 -30.40 -6.04 17.33
N GLY A 168 -29.61 -7.04 16.91
CA GLY A 168 -30.10 -7.99 15.93
C GLY A 168 -29.53 -7.73 14.55
N ASN A 169 -29.01 -6.52 14.33
CA ASN A 169 -28.44 -6.16 13.03
C ASN A 169 -26.92 -6.07 13.05
N GLU A 170 -26.29 -6.85 13.93
CA GLU A 170 -24.84 -6.85 14.06
C GLU A 170 -24.14 -7.03 12.70
N GLU A 171 -24.73 -7.88 11.85
CA GLU A 171 -24.14 -8.15 10.55
C GLU A 171 -24.10 -6.98 9.59
N GLU A 172 -24.83 -5.91 9.90
CA GLU A 172 -24.86 -4.74 9.04
C GLU A 172 -23.67 -3.79 9.27
N ILE A 173 -22.91 -4.02 10.34
CA ILE A 173 -21.76 -3.15 10.61
C ILE A 173 -20.43 -3.87 10.75
N VAL A 174 -20.43 -5.20 10.87
CA VAL A 174 -19.17 -5.92 11.06
C VAL A 174 -18.29 -6.03 9.81
N LEU A 175 -18.84 -5.69 8.65
CA LEU A 175 -18.08 -5.75 7.42
C LEU A 175 -17.57 -4.37 7.01
N ALA A 176 -18.13 -3.33 7.62
CA ALA A 176 -17.73 -1.96 7.31
C ALA A 176 -16.28 -1.72 7.74
N ARG A 177 -15.47 -1.24 6.82
CA ARG A 177 -14.04 -1.02 7.06
C ARG A 177 -13.54 0.38 7.44
N THR A 178 -12.34 0.40 8.02
CA THR A 178 -11.66 1.62 8.40
C THR A 178 -11.50 2.46 7.13
N PHE A 179 -11.60 3.77 7.25
CA PHE A 179 -11.46 4.63 6.09
C PHE A 179 -10.62 5.86 6.39
N ALA A 180 -10.06 6.46 5.34
CA ALA A 180 -9.24 7.66 5.47
C ALA A 180 -9.36 8.49 4.20
N PHE A 181 -9.14 9.80 4.32
CA PHE A 181 -9.22 10.67 3.15
C PHE A 181 -7.80 10.94 2.67
N ASP A 182 -7.62 11.04 1.36
CA ASP A 182 -6.28 11.25 0.83
C ASP A 182 -5.58 12.49 1.37
N TRP A 183 -6.35 13.53 1.68
CA TRP A 183 -5.75 14.75 2.20
C TRP A 183 -5.31 14.63 3.66
N GLU A 184 -5.59 13.49 4.29
CA GLU A 184 -5.19 13.27 5.69
C GLU A 184 -3.96 12.39 5.82
N ILE A 185 -3.60 11.69 4.75
CA ILE A 185 -2.46 10.77 4.77
C ILE A 185 -1.13 11.36 5.23
N GLU A 186 -0.74 12.52 4.69
CA GLU A 186 0.55 13.09 5.10
C GLU A 186 0.59 13.36 6.60
N HIS A 187 -0.52 13.86 7.16
CA HIS A 187 -0.60 14.13 8.59
C HIS A 187 -0.44 12.85 9.41
N ILE A 188 -1.22 11.83 9.06
CA ILE A 188 -1.16 10.56 9.78
C ILE A 188 0.26 9.98 9.76
N LYS A 189 0.90 10.01 8.59
CA LYS A 189 2.27 9.50 8.46
C LYS A 189 3.24 10.34 9.30
N LYS A 190 3.07 11.65 9.24
CA LYS A 190 3.93 12.59 9.96
C LYS A 190 3.92 12.39 11.48
N VAL A 191 2.77 11.97 12.02
CA VAL A 191 2.68 11.77 13.47
C VAL A 191 3.06 10.34 13.88
N GLY A 192 3.73 9.63 12.98
CA GLY A 192 4.19 8.28 13.27
C GLY A 192 3.13 7.19 13.25
N LEU A 193 2.02 7.44 12.56
CA LEU A 193 0.95 6.46 12.48
C LEU A 193 0.71 5.95 11.06
N GLY A 194 -0.31 5.11 10.90
CA GLY A 194 -0.65 4.56 9.60
C GLY A 194 0.45 3.85 8.83
N LYS A 195 1.45 3.35 9.55
CA LYS A 195 2.57 2.66 8.90
C LYS A 195 2.21 1.35 8.22
N GLY A 196 1.10 0.74 8.63
CA GLY A 196 0.70 -0.51 8.03
C GLY A 196 -0.55 -0.37 7.16
N GLY A 197 -0.96 0.86 6.91
CA GLY A 197 -2.15 1.09 6.10
C GLY A 197 -1.93 0.80 4.62
N SER A 198 -2.95 0.24 3.98
CA SER A 198 -2.90 -0.08 2.56
C SER A 198 -4.33 -0.17 2.04
N LEU A 199 -4.49 -0.35 0.73
CA LEU A 199 -5.84 -0.46 0.17
C LEU A 199 -6.48 -1.78 0.57
N LYS A 200 -5.70 -2.63 1.23
CA LYS A 200 -6.21 -3.93 1.68
C LYS A 200 -6.85 -3.87 3.06
N ASN A 201 -6.57 -2.83 3.81
CA ASN A 201 -7.15 -2.69 5.15
C ASN A 201 -7.75 -1.30 5.38
N THR A 202 -7.69 -0.45 4.36
CA THR A 202 -8.23 0.90 4.48
C THR A 202 -8.94 1.37 3.22
N LEU A 203 -10.12 1.97 3.40
CA LEU A 203 -10.87 2.53 2.28
C LEU A 203 -10.36 3.96 2.16
N VAL A 204 -9.68 4.27 1.07
CA VAL A 204 -9.15 5.61 0.90
C VAL A 204 -10.02 6.39 -0.07
N LEU A 205 -10.52 7.53 0.40
CA LEU A 205 -11.40 8.36 -0.39
C LEU A 205 -10.78 9.72 -0.70
N GLY A 206 -11.15 10.27 -1.85
CA GLY A 206 -10.67 11.57 -2.25
C GLY A 206 -11.87 12.49 -2.26
N LYS A 207 -11.68 13.74 -2.68
CA LYS A 207 -12.79 14.69 -2.73
C LYS A 207 -13.90 14.12 -3.61
N ASP A 208 -13.52 13.46 -4.69
CA ASP A 208 -14.51 12.91 -5.60
C ASP A 208 -14.20 11.48 -6.04
N LYS A 209 -13.22 10.84 -5.41
CA LYS A 209 -12.86 9.49 -5.81
C LYS A 209 -12.74 8.44 -4.72
N VAL A 210 -12.69 7.19 -5.18
CA VAL A 210 -12.56 6.00 -4.34
C VAL A 210 -11.38 5.23 -4.91
N TYR A 211 -10.24 5.27 -4.22
CA TYR A 211 -9.05 4.59 -4.70
C TYR A 211 -9.10 3.07 -4.71
N ASN A 212 -9.81 2.48 -3.75
CA ASN A 212 -9.89 1.02 -3.71
C ASN A 212 -10.60 0.53 -4.96
N PRO A 213 -9.99 -0.41 -5.69
CA PRO A 213 -10.64 -0.92 -6.90
C PRO A 213 -11.97 -1.62 -6.60
N GLU A 214 -12.09 -2.22 -5.42
CA GLU A 214 -13.32 -2.90 -5.03
C GLU A 214 -14.42 -1.90 -4.66
N GLY A 215 -14.06 -0.63 -4.56
CA GLY A 215 -15.03 0.40 -4.21
C GLY A 215 -15.59 0.20 -2.81
N LEU A 216 -16.72 0.86 -2.52
CA LEU A 216 -17.36 0.76 -1.22
C LEU A 216 -18.26 -0.47 -1.12
N ARG A 217 -18.31 -1.06 0.07
CA ARG A 217 -19.16 -2.22 0.32
C ARG A 217 -20.61 -1.76 0.44
N TYR A 218 -20.80 -0.53 0.92
CA TYR A 218 -22.13 0.09 1.07
C TYR A 218 -21.92 1.56 0.75
N GLU A 219 -22.93 2.24 0.20
CA GLU A 219 -22.78 3.65 -0.12
C GLU A 219 -22.49 4.44 1.15
N ASN A 220 -22.88 3.89 2.30
CA ASN A 220 -22.64 4.57 3.57
C ASN A 220 -21.67 3.78 4.46
N GLU A 221 -20.79 3.01 3.84
CA GLU A 221 -19.85 2.19 4.62
C GLU A 221 -19.10 2.99 5.69
N PRO A 222 -18.70 4.23 5.39
CA PRO A 222 -17.99 5.02 6.41
C PRO A 222 -18.77 5.25 7.70
N VAL A 223 -20.05 5.60 7.60
CA VAL A 223 -20.82 5.83 8.81
C VAL A 223 -21.15 4.52 9.52
N ARG A 224 -21.25 3.44 8.76
CA ARG A 224 -21.50 2.14 9.38
C ARG A 224 -20.26 1.81 10.21
N HIS A 225 -19.09 2.15 9.68
CA HIS A 225 -17.85 1.87 10.40
C HIS A 225 -17.72 2.73 11.65
N LYS A 226 -18.16 3.98 11.56
CA LYS A 226 -18.09 4.88 12.70
C LYS A 226 -18.97 4.33 13.83
N VAL A 227 -20.10 3.74 13.46
CA VAL A 227 -21.00 3.14 14.44
C VAL A 227 -20.25 1.98 15.09
N PHE A 228 -19.61 1.16 14.26
CA PHE A 228 -18.83 0.01 14.73
C PHE A 228 -17.73 0.46 15.71
N ASP A 229 -17.05 1.56 15.38
CA ASP A 229 -15.99 2.10 16.25
C ASP A 229 -16.57 2.53 17.60
N LEU A 230 -17.68 3.26 17.57
CA LEU A 230 -18.33 3.73 18.79
C LEU A 230 -18.74 2.59 19.71
N ILE A 231 -19.29 1.52 19.14
CA ILE A 231 -19.71 0.38 19.94
C ILE A 231 -18.49 -0.27 20.62
N GLY A 232 -17.33 -0.18 19.97
CA GLY A 232 -16.12 -0.74 20.56
C GLY A 232 -15.66 0.11 21.74
N ASP A 233 -15.71 1.43 21.58
CA ASP A 233 -15.30 2.33 22.65
C ASP A 233 -16.28 2.27 23.82
N LEU A 234 -17.56 2.05 23.52
CA LEU A 234 -18.57 1.98 24.57
C LEU A 234 -18.30 0.81 25.51
N TYR A 235 -17.69 -0.26 25.00
CA TYR A 235 -17.41 -1.41 25.84
C TYR A 235 -16.38 -1.07 26.92
N LEU A 236 -15.74 0.09 26.78
CA LEU A 236 -14.75 0.52 27.77
C LEU A 236 -15.48 0.88 29.08
N LEU A 237 -16.80 0.80 29.06
CA LEU A 237 -17.60 1.07 30.26
C LEU A 237 -17.45 -0.13 31.20
N GLY A 238 -16.87 -1.22 30.71
CA GLY A 238 -16.65 -2.37 31.56
C GLY A 238 -17.56 -3.56 31.42
N SER A 239 -18.71 -3.38 30.76
CA SER A 239 -19.67 -4.46 30.54
C SER A 239 -20.62 -4.06 29.42
N PRO A 240 -21.32 -5.05 28.81
CA PRO A 240 -22.26 -4.76 27.73
C PRO A 240 -23.15 -3.58 28.10
N VAL A 241 -23.40 -2.71 27.13
CA VAL A 241 -24.18 -1.50 27.35
C VAL A 241 -25.61 -1.49 26.82
N LYS A 242 -26.51 -0.84 27.57
CA LYS A 242 -27.89 -0.68 27.15
C LYS A 242 -28.16 0.81 27.19
N GLY A 243 -28.43 1.38 26.01
CA GLY A 243 -28.70 2.80 25.91
C GLY A 243 -28.83 3.21 24.46
N LYS A 244 -29.43 4.38 24.24
CA LYS A 244 -29.63 4.91 22.89
C LYS A 244 -28.59 6.00 22.69
N PHE A 245 -27.80 5.87 21.63
CA PHE A 245 -26.75 6.86 21.37
C PHE A 245 -26.85 7.52 20.01
N TYR A 246 -26.54 8.80 19.99
CA TYR A 246 -26.53 9.58 18.76
C TYR A 246 -25.22 10.35 18.70
N SER A 247 -24.45 10.11 17.66
CA SER A 247 -23.18 10.78 17.48
C SER A 247 -23.13 11.57 16.19
N PHE A 248 -22.83 12.87 16.33
CA PHE A 248 -22.71 13.75 15.16
C PHE A 248 -21.24 14.10 14.99
N ARG A 249 -20.61 13.50 13.97
CA ARG A 249 -19.20 13.76 13.67
C ARG A 249 -18.26 13.32 14.79
N GLY A 250 -18.69 12.34 15.58
CA GLY A 250 -17.86 11.87 16.68
C GLY A 250 -16.65 11.07 16.24
N GLY A 251 -15.70 10.93 17.16
CA GLY A 251 -14.49 10.19 16.91
C GLY A 251 -14.06 9.55 18.23
N HIS A 252 -12.96 8.80 18.22
CA HIS A 252 -12.49 8.14 19.44
C HIS A 252 -12.36 9.05 20.66
N SER A 253 -11.80 10.24 20.47
CA SER A 253 -11.66 11.17 21.60
C SER A 253 -12.99 11.50 22.26
N LEU A 254 -13.97 11.92 21.45
CA LEU A 254 -15.28 12.26 22.00
C LEU A 254 -15.98 11.03 22.57
N ASN A 255 -15.77 9.88 21.93
CA ASN A 255 -16.37 8.62 22.40
C ASN A 255 -15.89 8.33 23.83
N VAL A 256 -14.59 8.40 24.04
CA VAL A 256 -14.00 8.14 25.34
C VAL A 256 -14.46 9.18 26.36
N LYS A 257 -14.56 10.43 25.92
CA LYS A 257 -15.01 11.50 26.81
C LYS A 257 -16.42 11.16 27.30
N LEU A 258 -17.28 10.70 26.40
CA LEU A 258 -18.64 10.33 26.75
C LEU A 258 -18.63 9.19 27.77
N VAL A 259 -17.79 8.19 27.51
CA VAL A 259 -17.67 7.05 28.40
C VAL A 259 -17.27 7.45 29.82
N LYS A 260 -16.25 8.28 29.95
CA LYS A 260 -15.80 8.72 31.26
C LYS A 260 -16.89 9.49 31.99
N GLU A 261 -17.60 10.35 31.26
CA GLU A 261 -18.69 11.11 31.87
C GLU A 261 -19.80 10.17 32.33
N LEU A 262 -20.11 9.16 31.51
CA LEU A 262 -21.16 8.20 31.87
C LEU A 262 -20.72 7.43 33.11
N ALA A 263 -19.46 7.00 33.13
CA ALA A 263 -18.93 6.25 34.26
C ALA A 263 -18.97 7.09 35.54
N LYS A 264 -18.65 8.37 35.41
CA LYS A 264 -18.62 9.29 36.54
C LYS A 264 -20.00 9.48 37.18
N LYS A 265 -21.00 9.75 36.36
CA LYS A 265 -22.36 9.95 36.84
C LYS A 265 -22.95 8.75 37.57
N GLN A 266 -22.78 7.56 37.00
CA GLN A 266 -23.33 6.35 37.60
C GLN A 266 -22.30 5.58 38.43
N GLY B 1 34.55 -0.55 -25.21
CA GLY B 1 34.70 -1.43 -24.02
C GLY B 1 34.56 -2.90 -24.35
N LEU B 2 34.94 -3.75 -23.41
CA LEU B 2 34.86 -5.19 -23.59
C LEU B 2 33.46 -5.71 -23.24
N GLU B 3 33.00 -6.75 -23.92
CA GLU B 3 31.70 -7.31 -23.59
C GLU B 3 31.82 -7.77 -22.15
N LYS B 4 30.69 -7.84 -21.45
CA LYS B 4 30.72 -8.24 -20.05
C LYS B 4 29.58 -9.15 -19.66
N THR B 5 29.79 -9.88 -18.56
CA THR B 5 28.79 -10.77 -18.00
C THR B 5 28.97 -10.65 -16.50
N VAL B 6 28.29 -11.49 -15.72
CA VAL B 6 28.42 -11.43 -14.27
C VAL B 6 29.36 -12.54 -13.81
N LYS B 7 30.10 -12.29 -12.74
CA LYS B 7 31.04 -13.27 -12.21
C LYS B 7 30.34 -14.50 -11.67
N GLU B 8 29.13 -14.30 -11.14
CA GLU B 8 28.34 -15.39 -10.59
C GLU B 8 26.87 -15.02 -10.68
N LYS B 9 25.99 -16.00 -10.64
CA LYS B 9 24.56 -15.72 -10.73
C LYS B 9 24.09 -14.80 -9.62
N LEU B 10 23.16 -13.92 -9.97
CA LEU B 10 22.60 -12.96 -9.02
C LEU B 10 21.09 -13.09 -8.98
N SER B 11 20.54 -13.12 -7.78
CA SER B 11 19.09 -13.26 -7.62
C SER B 11 18.44 -12.04 -6.97
N PHE B 12 17.19 -11.80 -7.36
CA PHE B 12 16.38 -10.70 -6.83
C PHE B 12 14.94 -11.20 -6.81
N GLU B 13 14.20 -10.82 -5.79
CA GLU B 13 12.80 -11.23 -5.69
C GLU B 13 11.96 -10.19 -4.99
N GLY B 14 10.66 -10.24 -5.25
CA GLY B 14 9.74 -9.31 -4.64
C GLY B 14 8.43 -9.38 -5.41
N VAL B 15 7.63 -8.32 -5.31
CA VAL B 15 6.34 -8.29 -5.99
C VAL B 15 6.45 -7.54 -7.32
N GLY B 16 5.57 -7.90 -8.25
CA GLY B 16 5.53 -7.22 -9.54
C GLY B 16 4.61 -6.04 -9.31
N ILE B 17 4.99 -4.85 -9.77
CA ILE B 17 4.17 -3.67 -9.56
C ILE B 17 2.79 -3.75 -10.24
N HIS B 18 2.72 -4.41 -11.39
CA HIS B 18 1.45 -4.50 -12.09
C HIS B 18 0.62 -5.74 -11.77
N THR B 19 1.25 -6.90 -11.68
CA THR B 19 0.52 -8.12 -11.38
C THR B 19 0.19 -8.27 -9.90
N GLY B 20 1.04 -7.69 -9.05
CA GLY B 20 0.82 -7.80 -7.62
C GLY B 20 1.20 -9.19 -7.14
N GLU B 21 1.84 -9.96 -8.02
CA GLU B 21 2.25 -11.32 -7.71
C GLU B 21 3.74 -11.42 -7.37
N TYR B 22 4.09 -12.45 -6.62
CA TYR B 22 5.48 -12.71 -6.26
C TYR B 22 6.22 -13.11 -7.52
N SER B 23 7.45 -12.61 -7.67
CA SER B 23 8.25 -13.00 -8.83
C SER B 23 9.72 -12.96 -8.45
N LYS B 24 10.54 -13.65 -9.23
CA LYS B 24 11.97 -13.70 -8.95
C LYS B 24 12.78 -13.78 -10.24
N LEU B 25 13.99 -13.23 -10.18
CA LEU B 25 14.92 -13.23 -11.30
C LEU B 25 16.22 -13.88 -10.87
N ILE B 26 16.84 -14.60 -11.80
CA ILE B 26 18.13 -15.21 -11.55
C ILE B 26 18.96 -14.90 -12.78
N ILE B 27 19.97 -14.05 -12.62
CA ILE B 27 20.83 -13.68 -13.73
C ILE B 27 22.02 -14.64 -13.80
N HIS B 28 22.11 -15.39 -14.90
CA HIS B 28 23.19 -16.35 -15.10
C HIS B 28 24.19 -15.85 -16.14
N PRO B 29 25.48 -16.14 -15.93
CA PRO B 29 26.54 -15.72 -16.87
C PRO B 29 26.42 -16.43 -18.20
N GLU B 30 26.89 -15.79 -19.27
CA GLU B 30 26.88 -16.37 -20.60
C GLU B 30 28.15 -15.95 -21.33
N LYS B 31 28.57 -16.75 -22.31
CA LYS B 31 29.79 -16.45 -23.06
C LYS B 31 29.61 -15.31 -24.06
N GLU B 32 30.73 -14.83 -24.59
CA GLU B 32 30.73 -13.75 -25.56
C GLU B 32 29.78 -14.05 -26.73
N GLY B 33 29.17 -13.00 -27.26
CA GLY B 33 28.27 -13.16 -28.38
C GLY B 33 26.89 -13.71 -28.08
N THR B 34 26.61 -13.99 -26.81
CA THR B 34 25.30 -14.52 -26.43
C THR B 34 24.23 -13.44 -26.42
N GLY B 35 24.55 -12.30 -25.82
CA GLY B 35 23.58 -11.21 -25.75
C GLY B 35 22.71 -11.32 -24.51
N ILE B 36 21.73 -10.42 -24.40
CA ILE B 36 20.81 -10.42 -23.25
C ILE B 36 19.51 -11.10 -23.62
N ARG B 37 19.13 -12.10 -22.83
CA ARG B 37 17.89 -12.82 -23.10
C ARG B 37 17.21 -13.26 -21.81
N PHE B 38 15.88 -13.31 -21.83
CA PHE B 38 15.14 -13.76 -20.65
C PHE B 38 14.76 -15.21 -20.90
N PHE B 39 14.50 -15.94 -19.83
CA PHE B 39 14.07 -17.33 -19.94
C PHE B 39 12.87 -17.53 -19.04
N LYS B 40 11.79 -18.05 -19.63
CA LYS B 40 10.57 -18.31 -18.87
C LYS B 40 9.86 -19.56 -19.40
N ASN B 41 9.54 -20.48 -18.49
CA ASN B 41 8.84 -21.72 -18.84
C ASN B 41 9.37 -22.41 -20.10
N GLY B 42 10.69 -22.53 -20.21
CA GLY B 42 11.29 -23.21 -21.35
C GLY B 42 11.51 -22.38 -22.61
N VAL B 43 11.11 -21.12 -22.59
CA VAL B 43 11.26 -20.27 -23.76
C VAL B 43 12.27 -19.13 -23.53
N TYR B 44 13.14 -18.93 -24.51
CA TYR B 44 14.11 -17.85 -24.42
C TYR B 44 13.50 -16.65 -25.13
N ILE B 45 13.49 -15.50 -24.45
CA ILE B 45 12.95 -14.28 -25.03
C ILE B 45 14.05 -13.25 -25.09
N PRO B 46 14.56 -12.97 -26.30
CA PRO B 46 15.64 -11.98 -26.47
C PRO B 46 15.18 -10.59 -26.04
N ALA B 47 16.09 -9.83 -25.41
CA ALA B 47 15.76 -8.48 -24.98
C ALA B 47 15.89 -7.57 -26.19
N ARG B 48 15.03 -7.79 -27.18
CA ARG B 48 15.05 -7.01 -28.40
C ARG B 48 13.67 -6.46 -28.73
N HIS B 49 13.64 -5.36 -29.48
CA HIS B 49 12.38 -4.70 -29.83
C HIS B 49 11.37 -5.56 -30.59
N GLU B 50 11.83 -6.54 -31.35
CA GLU B 50 10.90 -7.39 -32.10
C GLU B 50 9.99 -8.21 -31.19
N PHE B 51 10.37 -8.34 -29.92
CA PHE B 51 9.58 -9.12 -28.98
C PHE B 51 8.69 -8.31 -28.05
N VAL B 52 8.59 -7.00 -28.27
CA VAL B 52 7.74 -6.15 -27.44
C VAL B 52 6.27 -6.45 -27.78
N VAL B 53 5.45 -6.69 -26.77
CA VAL B 53 4.04 -6.98 -27.00
C VAL B 53 3.10 -5.99 -26.34
N HIS B 54 3.63 -5.14 -25.46
CA HIS B 54 2.83 -4.16 -24.73
C HIS B 54 3.72 -3.01 -24.25
N THR B 55 3.22 -1.77 -24.31
CA THR B 55 4.00 -0.61 -23.88
C THR B 55 3.22 0.38 -23.01
N ASN B 56 2.07 -0.04 -22.51
CA ASN B 56 1.25 0.85 -21.67
C ASN B 56 1.55 0.65 -20.19
N HIS B 57 2.27 1.60 -19.60
CA HIS B 57 2.64 1.57 -18.17
C HIS B 57 3.78 0.63 -17.84
N SER B 58 4.38 0.04 -18.87
CA SER B 58 5.53 -0.84 -18.73
C SER B 58 5.88 -1.37 -20.11
N THR B 59 7.11 -1.85 -20.25
CA THR B 59 7.56 -2.42 -21.50
C THR B 59 7.58 -3.92 -21.29
N ASP B 60 6.69 -4.62 -21.99
CA ASP B 60 6.59 -6.08 -21.86
C ASP B 60 7.06 -6.84 -23.10
N LEU B 61 7.71 -7.96 -22.87
CA LEU B 61 8.21 -8.78 -23.97
C LEU B 61 7.52 -10.15 -23.98
N GLY B 62 7.49 -10.77 -25.14
CA GLY B 62 6.85 -12.07 -25.25
C GLY B 62 7.32 -12.86 -26.47
N PHE B 63 7.19 -14.18 -26.38
CA PHE B 63 7.57 -15.05 -27.48
C PHE B 63 6.98 -16.43 -27.24
N LYS B 64 6.45 -17.03 -28.31
CA LYS B 64 5.87 -18.36 -28.26
C LYS B 64 4.96 -18.62 -27.06
N GLY B 65 4.01 -17.71 -26.82
CA GLY B 65 3.08 -17.89 -25.72
C GLY B 65 3.58 -17.56 -24.33
N GLN B 66 4.82 -17.09 -24.20
CA GLN B 66 5.35 -16.73 -22.90
C GLN B 66 5.60 -15.22 -22.85
N ARG B 67 5.11 -14.58 -21.80
CA ARG B 67 5.25 -13.13 -21.66
C ARG B 67 5.89 -12.72 -20.34
N ILE B 68 6.62 -11.60 -20.36
CA ILE B 68 7.26 -11.06 -19.17
C ILE B 68 7.03 -9.56 -19.14
N LYS B 69 6.38 -9.08 -18.08
CA LYS B 69 6.10 -7.66 -17.95
C LYS B 69 7.19 -6.87 -17.23
N THR B 70 7.27 -5.57 -17.57
CA THR B 70 8.17 -4.64 -16.92
C THR B 70 9.67 -4.94 -16.92
N VAL B 71 10.26 -5.00 -18.10
CA VAL B 71 11.68 -5.28 -18.23
C VAL B 71 12.55 -4.02 -18.27
N GLU B 72 11.91 -2.84 -18.33
CA GLU B 72 12.65 -1.59 -18.43
C GLU B 72 13.72 -1.27 -17.40
N HIS B 73 13.46 -1.52 -16.11
CA HIS B 73 14.43 -1.19 -15.08
C HIS B 73 15.66 -2.11 -15.02
N ILE B 74 15.44 -3.42 -15.18
CA ILE B 74 16.57 -4.34 -15.18
C ILE B 74 17.39 -4.11 -16.45
N LEU B 75 16.73 -3.86 -17.58
CA LEU B 75 17.47 -3.62 -18.82
C LEU B 75 18.26 -2.31 -18.76
N SER B 76 17.68 -1.30 -18.12
CA SER B 76 18.36 -0.01 -18.00
C SER B 76 19.67 -0.17 -17.25
N VAL B 77 19.62 -0.87 -16.12
CA VAL B 77 20.80 -1.10 -15.31
C VAL B 77 21.85 -1.88 -16.10
N LEU B 78 21.42 -2.91 -16.82
CA LEU B 78 22.35 -3.71 -17.62
C LEU B 78 23.00 -2.84 -18.69
N HIS B 79 22.19 -1.99 -19.32
CA HIS B 79 22.69 -1.09 -20.37
C HIS B 79 23.75 -0.15 -19.78
N LEU B 80 23.42 0.44 -18.64
CA LEU B 80 24.31 1.38 -17.96
C LEU B 80 25.68 0.80 -17.57
N LEU B 81 25.70 -0.48 -17.19
CA LEU B 81 26.94 -1.14 -16.80
C LEU B 81 27.53 -1.93 -17.96
N GLU B 82 26.88 -1.81 -19.12
CA GLU B 82 27.30 -2.51 -20.33
C GLU B 82 27.42 -4.04 -20.18
N ILE B 83 26.51 -4.63 -19.41
CA ILE B 83 26.50 -6.09 -19.26
C ILE B 83 25.90 -6.50 -20.61
N THR B 84 26.60 -7.36 -21.33
CA THR B 84 26.14 -7.76 -22.66
C THR B 84 25.76 -9.23 -22.86
N ASN B 85 26.20 -10.10 -21.95
CA ASN B 85 25.87 -11.51 -22.10
C ASN B 85 25.36 -12.16 -20.82
N VAL B 86 24.05 -12.38 -20.76
CA VAL B 86 23.43 -13.02 -19.60
C VAL B 86 22.09 -13.62 -19.95
N THR B 87 21.66 -14.56 -19.13
CA THR B 87 20.37 -15.19 -19.29
C THR B 87 19.64 -14.86 -18.00
N ILE B 88 18.48 -14.23 -18.13
CA ILE B 88 17.72 -13.85 -16.97
C ILE B 88 16.51 -14.78 -16.84
N GLU B 89 16.63 -15.78 -15.98
CA GLU B 89 15.55 -16.71 -15.76
C GLU B 89 14.50 -15.96 -14.96
N VAL B 90 13.24 -16.10 -15.34
CA VAL B 90 12.17 -15.42 -14.63
C VAL B 90 11.15 -16.39 -14.04
N ILE B 91 10.90 -16.22 -12.75
CA ILE B 91 9.91 -17.02 -12.03
C ILE B 91 8.77 -16.02 -11.81
N GLY B 92 7.65 -16.25 -12.48
CA GLY B 92 6.53 -15.33 -12.36
C GLY B 92 6.28 -14.69 -13.72
N ASN B 93 5.38 -13.72 -13.77
CA ASN B 93 5.03 -13.08 -15.03
C ASN B 93 5.56 -11.66 -15.18
N GLU B 94 6.34 -11.20 -14.21
CA GLU B 94 6.86 -9.85 -14.26
C GLU B 94 8.12 -9.72 -13.42
N ILE B 95 8.98 -8.77 -13.80
CA ILE B 95 10.23 -8.50 -13.09
C ILE B 95 9.85 -7.81 -11.76
N PRO B 96 10.43 -8.26 -10.64
CA PRO B 96 10.09 -7.62 -9.36
C PRO B 96 10.38 -6.11 -9.46
N ILE B 97 9.52 -5.29 -8.86
CA ILE B 97 9.72 -3.85 -8.92
C ILE B 97 10.67 -3.35 -7.83
N LEU B 98 10.80 -4.12 -6.75
CA LEU B 98 11.66 -3.75 -5.62
C LEU B 98 11.24 -2.38 -5.09
N ASP B 99 12.16 -1.42 -5.00
CA ASP B 99 11.78 -0.10 -4.49
C ASP B 99 11.37 0.89 -5.57
N GLY B 100 11.22 0.40 -6.80
CA GLY B 100 10.83 1.27 -7.89
C GLY B 100 11.98 1.86 -8.70
N SER B 101 13.21 1.65 -8.24
CA SER B 101 14.38 2.17 -8.95
C SER B 101 15.28 1.01 -9.38
N GLY B 102 16.45 1.34 -9.92
CA GLY B 102 17.38 0.30 -10.32
C GLY B 102 18.52 0.11 -9.33
N TRP B 103 18.40 0.76 -8.16
CA TRP B 103 19.45 0.69 -7.15
C TRP B 103 19.93 -0.70 -6.73
N GLU B 104 19.01 -1.56 -6.30
CA GLU B 104 19.41 -2.91 -5.86
C GLU B 104 20.09 -3.67 -7.00
N PHE B 105 19.53 -3.57 -8.20
CA PHE B 105 20.10 -4.24 -9.37
C PHE B 105 21.51 -3.69 -9.58
N TYR B 106 21.60 -2.36 -9.69
CA TYR B 106 22.85 -1.66 -9.92
C TYR B 106 23.97 -2.04 -8.95
N GLU B 107 23.71 -1.95 -7.66
CA GLU B 107 24.72 -2.27 -6.64
C GLU B 107 25.19 -3.71 -6.63
N ALA B 108 24.28 -4.64 -6.90
CA ALA B 108 24.64 -6.04 -6.91
C ALA B 108 25.45 -6.39 -8.15
N ILE B 109 24.97 -5.98 -9.32
CA ILE B 109 25.65 -6.27 -10.57
C ILE B 109 27.00 -5.55 -10.70
N ARG B 110 27.05 -4.31 -10.26
CA ARG B 110 28.27 -3.51 -10.34
C ARG B 110 29.48 -4.17 -9.67
N LYS B 111 29.22 -4.86 -8.56
CA LYS B 111 30.29 -5.53 -7.80
C LYS B 111 30.60 -6.93 -8.34
N ASN B 112 29.88 -7.35 -9.37
CA ASN B 112 30.08 -8.68 -9.93
C ASN B 112 30.27 -8.70 -11.43
N ILE B 113 30.97 -7.71 -11.96
CA ILE B 113 31.20 -7.64 -13.39
C ILE B 113 32.38 -8.51 -13.79
N LEU B 114 32.29 -9.13 -14.95
CA LEU B 114 33.35 -9.98 -15.47
C LEU B 114 33.63 -9.60 -16.92
N ASN B 115 34.78 -8.99 -17.17
CA ASN B 115 35.17 -8.59 -18.51
C ASN B 115 35.38 -9.85 -19.35
N GLN B 116 35.07 -9.76 -20.63
CA GLN B 116 35.24 -10.90 -21.52
C GLN B 116 36.20 -10.57 -22.66
N ASN B 117 36.54 -11.57 -23.47
CA ASN B 117 37.49 -11.37 -24.57
C ASN B 117 36.85 -11.07 -25.91
N ARG B 118 36.25 -9.89 -26.00
CA ARG B 118 35.62 -9.45 -27.24
C ARG B 118 35.17 -8.00 -27.06
N GLU B 119 35.48 -7.19 -28.06
CA GLU B 119 35.13 -5.77 -28.03
C GLU B 119 33.63 -5.64 -28.28
N ILE B 120 33.00 -4.67 -27.62
CA ILE B 120 31.58 -4.43 -27.79
C ILE B 120 31.32 -3.74 -29.13
N ASP B 121 30.32 -4.21 -29.85
CA ASP B 121 29.93 -3.60 -31.12
C ASP B 121 28.71 -2.75 -30.79
N TYR B 122 28.94 -1.47 -30.51
CA TYR B 122 27.86 -0.57 -30.14
C TYR B 122 26.90 -0.22 -31.27
N PHE B 123 25.67 0.12 -30.90
CA PHE B 123 24.70 0.55 -31.87
C PHE B 123 24.93 2.05 -31.91
N VAL B 124 25.45 2.55 -33.02
CA VAL B 124 25.74 3.97 -33.15
C VAL B 124 24.70 4.71 -33.98
N VAL B 125 24.06 5.71 -33.39
CA VAL B 125 23.08 6.50 -34.13
C VAL B 125 23.89 7.20 -35.23
N GLU B 126 23.48 7.01 -36.48
CA GLU B 126 24.20 7.57 -37.62
C GLU B 126 23.66 8.90 -38.14
N GLU B 127 22.34 9.03 -38.15
CA GLU B 127 21.72 10.25 -38.63
C GLU B 127 20.57 10.67 -37.73
N PRO B 128 20.33 11.99 -37.63
CA PRO B 128 19.24 12.51 -36.79
C PRO B 128 17.91 11.87 -37.15
N ILE B 129 17.07 11.66 -36.14
CA ILE B 129 15.77 11.07 -36.33
C ILE B 129 14.81 11.62 -35.28
N ILE B 130 13.55 11.76 -35.67
CA ILE B 130 12.54 12.29 -34.76
C ILE B 130 11.22 11.54 -34.87
N VAL B 131 10.64 11.20 -33.73
CA VAL B 131 9.35 10.52 -33.68
C VAL B 131 8.45 11.39 -32.82
N GLU B 132 7.18 11.49 -33.21
CA GLU B 132 6.24 12.31 -32.45
C GLU B 132 4.92 11.59 -32.23
N ASP B 133 4.14 12.11 -31.28
CA ASP B 133 2.86 11.52 -30.95
C ASP B 133 2.10 12.40 -29.95
N GLU B 134 1.06 13.08 -30.43
CA GLU B 134 0.24 13.94 -29.58
C GLU B 134 1.04 14.86 -28.67
N GLY B 135 1.87 15.71 -29.25
CA GLY B 135 2.66 16.64 -28.46
C GLY B 135 3.96 16.06 -27.94
N ARG B 136 4.02 14.74 -27.79
CA ARG B 136 5.22 14.07 -27.30
C ARG B 136 6.22 13.98 -28.45
N LEU B 137 7.50 14.11 -28.13
CA LEU B 137 8.54 14.03 -29.15
C LEU B 137 9.85 13.50 -28.59
N ILE B 138 10.58 12.78 -29.42
CA ILE B 138 11.89 12.24 -29.06
C ILE B 138 12.81 12.37 -30.25
N LYS B 139 13.97 12.97 -30.03
CA LYS B 139 14.94 13.17 -31.09
C LYS B 139 16.23 12.46 -30.76
N ALA B 140 16.78 11.76 -31.75
CA ALA B 140 18.03 11.03 -31.58
C ALA B 140 19.02 11.52 -32.64
N GLU B 141 20.28 11.68 -32.25
CA GLU B 141 21.29 12.13 -33.17
C GLU B 141 22.65 11.56 -32.77
N PRO B 142 23.64 11.63 -33.68
CA PRO B 142 24.99 11.11 -33.45
C PRO B 142 25.70 11.66 -32.22
N SER B 143 26.57 10.82 -31.65
CA SER B 143 27.36 11.18 -30.47
C SER B 143 28.26 10.00 -30.12
N ASP B 144 29.49 10.28 -29.73
CA ASP B 144 30.45 9.23 -29.36
C ASP B 144 30.09 8.65 -28.00
N THR B 145 29.27 9.38 -27.25
CA THR B 145 28.85 8.93 -25.93
C THR B 145 27.34 8.97 -25.78
N LEU B 146 26.81 8.16 -24.87
CA LEU B 146 25.39 8.12 -24.62
C LEU B 146 24.99 9.33 -23.78
N GLU B 147 24.11 10.16 -24.31
CA GLU B 147 23.63 11.33 -23.59
C GLU B 147 22.11 11.33 -23.72
N VAL B 148 21.43 11.39 -22.59
CA VAL B 148 19.98 11.35 -22.61
C VAL B 148 19.31 12.45 -21.80
N THR B 149 18.50 13.25 -22.48
CA THR B 149 17.78 14.33 -21.83
C THR B 149 16.28 14.10 -21.88
N TYR B 150 15.62 14.29 -20.74
CA TYR B 150 14.17 14.15 -20.70
C TYR B 150 13.62 15.43 -20.13
N GLU B 151 12.63 15.99 -20.82
CA GLU B 151 12.00 17.22 -20.37
C GLU B 151 10.52 16.90 -20.17
N GLY B 152 10.04 17.10 -18.96
CA GLY B 152 8.65 16.83 -18.68
C GLY B 152 7.82 18.09 -18.52
N GLU B 153 6.51 17.94 -18.62
CA GLU B 153 5.58 19.05 -18.47
C GLU B 153 4.42 18.44 -17.70
N PHE B 154 4.46 18.61 -16.39
CA PHE B 154 3.45 18.03 -15.52
C PHE B 154 2.31 18.94 -15.12
N LYS B 155 1.15 18.32 -14.91
CA LYS B 155 -0.07 19.04 -14.54
C LYS B 155 -0.16 19.24 -13.03
N ASN B 156 0.99 19.26 -12.34
CA ASN B 156 0.99 19.48 -10.90
C ASN B 156 2.11 20.43 -10.53
N PHE B 157 2.45 20.49 -9.25
CA PHE B 157 3.50 21.38 -8.78
C PHE B 157 4.84 21.22 -9.53
N LEU B 158 5.09 20.04 -10.09
CA LEU B 158 6.34 19.80 -10.82
C LEU B 158 6.55 20.76 -12.00
N GLY B 159 5.46 21.14 -12.65
CA GLY B 159 5.56 22.05 -13.78
C GLY B 159 6.46 21.51 -14.88
N ARG B 160 7.34 22.35 -15.39
CA ARG B 160 8.25 21.95 -16.45
C ARG B 160 9.67 21.76 -15.92
N GLN B 161 10.16 20.52 -15.98
CA GLN B 161 11.51 20.19 -15.51
C GLN B 161 12.27 19.40 -16.57
N LYS B 162 13.59 19.48 -16.49
CA LYS B 162 14.47 18.79 -17.43
C LYS B 162 15.66 18.18 -16.69
N PHE B 163 16.19 17.08 -17.22
CA PHE B 163 17.36 16.43 -16.63
C PHE B 163 18.19 15.75 -17.72
N THR B 164 19.50 15.95 -17.67
CA THR B 164 20.38 15.35 -18.67
C THR B 164 21.37 14.35 -18.07
N PHE B 165 21.35 13.13 -18.61
CA PHE B 165 22.27 12.09 -18.19
C PHE B 165 23.41 12.03 -19.21
N VAL B 166 24.62 11.79 -18.73
CA VAL B 166 25.77 11.64 -19.60
C VAL B 166 26.59 10.50 -19.00
N GLU B 167 27.33 9.80 -19.85
CA GLU B 167 28.17 8.70 -19.40
C GLU B 167 28.98 9.10 -18.17
N GLY B 168 29.02 8.22 -17.17
CA GLY B 168 29.77 8.48 -15.97
C GLY B 168 28.91 8.96 -14.80
N ASN B 169 27.69 9.39 -15.10
CA ASN B 169 26.79 9.88 -14.07
C ASN B 169 25.67 8.87 -13.78
N GLU B 170 25.97 7.59 -13.97
CA GLU B 170 24.99 6.53 -13.74
C GLU B 170 24.29 6.63 -12.38
N GLU B 171 25.06 6.91 -11.34
CA GLU B 171 24.50 7.01 -9.99
C GLU B 171 23.46 8.10 -9.83
N GLU B 172 23.39 9.03 -10.78
CA GLU B 172 22.42 10.11 -10.69
C GLU B 172 21.00 9.70 -11.09
N ILE B 173 20.85 8.52 -11.70
CA ILE B 173 19.53 8.08 -12.12
C ILE B 173 19.08 6.71 -11.61
N VAL B 174 20.02 5.90 -11.12
CA VAL B 174 19.67 4.56 -10.65
C VAL B 174 18.88 4.52 -9.34
N LEU B 175 18.74 5.67 -8.69
CA LEU B 175 17.99 5.75 -7.44
C LEU B 175 16.61 6.35 -7.66
N ALA B 176 16.40 6.99 -8.81
CA ALA B 176 15.12 7.61 -9.15
C ALA B 176 14.03 6.55 -9.31
N ARG B 177 12.92 6.72 -8.61
CA ARG B 177 11.83 5.75 -8.63
C ARG B 177 10.62 6.01 -9.53
N THR B 178 9.88 4.93 -9.75
CA THR B 178 8.65 4.93 -10.52
C THR B 178 7.71 5.89 -9.82
N PHE B 179 6.91 6.63 -10.58
CA PHE B 179 5.97 7.57 -9.99
C PHE B 179 4.62 7.53 -10.68
N ALA B 180 3.58 7.95 -9.96
CA ALA B 180 2.23 7.98 -10.51
C ALA B 180 1.47 9.13 -9.85
N PHE B 181 0.46 9.64 -10.54
CA PHE B 181 -0.34 10.73 -10.00
C PHE B 181 -1.63 10.15 -9.41
N ASP B 182 -2.07 10.69 -8.28
CA ASP B 182 -3.27 10.18 -7.63
C ASP B 182 -4.51 10.15 -8.53
N TRP B 183 -4.59 11.06 -9.50
CA TRP B 183 -5.74 11.07 -10.38
C TRP B 183 -5.66 10.00 -11.48
N GLU B 184 -4.54 9.27 -11.53
CA GLU B 184 -4.37 8.22 -12.55
C GLU B 184 -4.61 6.83 -11.97
N ILE B 185 -4.56 6.71 -10.64
CA ILE B 185 -4.72 5.42 -10.00
C ILE B 185 -5.95 4.61 -10.37
N GLU B 186 -7.12 5.25 -10.44
CA GLU B 186 -8.32 4.50 -10.78
C GLU B 186 -8.21 3.91 -12.19
N HIS B 187 -7.66 4.67 -13.12
CA HIS B 187 -7.47 4.19 -14.49
C HIS B 187 -6.54 2.97 -14.52
N ILE B 188 -5.37 3.11 -13.89
CA ILE B 188 -4.39 2.04 -13.86
C ILE B 188 -4.98 0.75 -13.29
N LYS B 189 -5.71 0.85 -12.18
CA LYS B 189 -6.34 -0.32 -11.57
C LYS B 189 -7.41 -0.89 -12.50
N LYS B 190 -8.18 0.00 -13.11
CA LYS B 190 -9.26 -0.40 -14.01
C LYS B 190 -8.79 -1.22 -15.21
N VAL B 191 -7.59 -0.94 -15.71
CA VAL B 191 -7.07 -1.68 -16.86
C VAL B 191 -6.29 -2.92 -16.43
N GLY B 192 -6.56 -3.38 -15.20
CA GLY B 192 -5.91 -4.56 -14.68
C GLY B 192 -4.43 -4.44 -14.35
N LEU B 193 -3.96 -3.24 -14.09
CA LEU B 193 -2.56 -3.03 -13.77
C LEU B 193 -2.38 -2.42 -12.38
N GLY B 194 -1.13 -2.13 -12.02
CA GLY B 194 -0.82 -1.54 -10.73
C GLY B 194 -1.25 -2.31 -9.50
N LYS B 195 -1.44 -3.62 -9.63
CA LYS B 195 -1.87 -4.42 -8.49
C LYS B 195 -0.86 -4.56 -7.37
N GLY B 196 0.41 -4.34 -7.66
CA GLY B 196 1.43 -4.43 -6.63
C GLY B 196 1.98 -3.08 -6.20
N GLY B 197 1.37 -2.02 -6.71
CA GLY B 197 1.84 -0.67 -6.37
C GLY B 197 1.57 -0.26 -4.94
N SER B 198 2.54 0.42 -4.34
CA SER B 198 2.43 0.91 -2.96
C SER B 198 3.42 2.03 -2.76
N LEU B 199 3.35 2.68 -1.60
CA LEU B 199 4.26 3.77 -1.31
C LEU B 199 5.70 3.28 -1.18
N LYS B 200 5.89 1.97 -1.09
CA LYS B 200 7.22 1.39 -0.98
C LYS B 200 7.91 1.21 -2.32
N ASN B 201 7.14 1.21 -3.40
CA ASN B 201 7.73 1.03 -4.73
C ASN B 201 7.28 2.08 -5.73
N THR B 202 6.44 3.00 -5.27
CA THR B 202 5.91 4.05 -6.14
C THR B 202 5.83 5.41 -5.46
N LEU B 203 6.29 6.44 -6.16
CA LEU B 203 6.23 7.81 -5.66
C LEU B 203 4.87 8.31 -6.13
N VAL B 204 3.92 8.46 -5.20
CA VAL B 204 2.60 8.92 -5.58
C VAL B 204 2.47 10.41 -5.33
N LEU B 205 2.11 11.15 -6.38
CA LEU B 205 2.01 12.59 -6.29
C LEU B 205 0.59 13.08 -6.56
N GLY B 206 0.24 14.20 -5.94
CA GLY B 206 -1.08 14.78 -6.14
C GLY B 206 -0.87 16.12 -6.83
N LYS B 207 -1.95 16.87 -7.01
CA LYS B 207 -1.86 18.18 -7.65
C LYS B 207 -0.86 19.07 -6.91
N ASP B 208 -0.82 18.95 -5.59
CA ASP B 208 0.08 19.79 -4.80
C ASP B 208 0.81 19.04 -3.70
N LYS B 209 0.64 17.73 -3.62
CA LYS B 209 1.30 16.97 -2.57
C LYS B 209 2.10 15.74 -2.97
N VAL B 210 2.84 15.21 -2.01
CA VAL B 210 3.67 14.02 -2.16
C VAL B 210 3.25 13.11 -1.02
N TYR B 211 2.54 12.03 -1.35
CA TYR B 211 2.05 11.10 -0.33
C TYR B 211 3.12 10.32 0.43
N ASN B 212 4.20 9.94 -0.24
CA ASN B 212 5.25 9.19 0.43
C ASN B 212 5.82 9.99 1.61
N PRO B 213 5.92 9.35 2.79
CA PRO B 213 6.45 10.08 3.95
C PRO B 213 7.92 10.48 3.75
N GLU B 214 8.65 9.70 2.96
CA GLU B 214 10.06 10.00 2.70
C GLU B 214 10.23 11.13 1.68
N GLY B 215 9.13 11.53 1.04
CA GLY B 215 9.19 12.59 0.05
C GLY B 215 10.00 12.21 -1.18
N LEU B 216 10.35 13.19 -2.01
CA LEU B 216 11.14 12.93 -3.22
C LEU B 216 12.63 12.84 -2.87
N ARG B 217 13.34 11.97 -3.60
CA ARG B 217 14.78 11.79 -3.40
C ARG B 217 15.51 12.99 -4.01
N TYR B 218 14.92 13.56 -5.07
CA TYR B 218 15.47 14.74 -5.74
C TYR B 218 14.26 15.54 -6.19
N GLU B 219 14.37 16.87 -6.23
CA GLU B 219 13.23 17.69 -6.63
C GLU B 219 12.77 17.32 -8.04
N ASN B 220 13.67 16.72 -8.83
CA ASN B 220 13.32 16.31 -10.18
C ASN B 220 13.35 14.80 -10.35
N GLU B 221 13.14 14.05 -9.27
CA GLU B 221 13.18 12.61 -9.33
C GLU B 221 12.37 12.02 -10.50
N PRO B 222 11.16 12.56 -10.77
CA PRO B 222 10.37 12.02 -11.87
C PRO B 222 11.07 12.07 -13.24
N VAL B 223 11.69 13.20 -13.59
CA VAL B 223 12.35 13.27 -14.89
C VAL B 223 13.61 12.42 -14.90
N ARG B 224 14.27 12.30 -13.74
CA ARG B 224 15.44 11.45 -13.68
C ARG B 224 15.02 10.02 -13.96
N HIS B 225 13.85 9.63 -13.44
CA HIS B 225 13.36 8.28 -13.65
C HIS B 225 12.98 8.05 -15.11
N LYS B 226 12.38 9.06 -15.74
CA LYS B 226 11.99 8.93 -17.15
C LYS B 226 13.23 8.69 -18.01
N VAL B 227 14.35 9.31 -17.62
CA VAL B 227 15.60 9.13 -18.34
C VAL B 227 16.00 7.67 -18.16
N PHE B 228 15.87 7.19 -16.92
CA PHE B 228 16.20 5.81 -16.58
C PHE B 228 15.35 4.84 -17.41
N ASP B 229 14.06 5.11 -17.56
CA ASP B 229 13.18 4.25 -18.35
C ASP B 229 13.59 4.21 -19.82
N LEU B 230 13.89 5.38 -20.38
CA LEU B 230 14.27 5.46 -21.78
C LEU B 230 15.55 4.68 -22.06
N ILE B 231 16.49 4.75 -21.14
CA ILE B 231 17.75 4.03 -21.31
C ILE B 231 17.51 2.52 -21.30
N GLY B 232 16.49 2.08 -20.56
CA GLY B 232 16.18 0.66 -20.54
C GLY B 232 15.56 0.27 -21.87
N ASP B 233 14.64 1.08 -22.36
CA ASP B 233 14.00 0.77 -23.64
C ASP B 233 14.99 0.83 -24.80
N LEU B 234 15.96 1.73 -24.72
CA LEU B 234 16.96 1.85 -25.79
C LEU B 234 17.79 0.58 -25.94
N TYR B 235 17.96 -0.15 -24.84
CA TYR B 235 18.74 -1.39 -24.89
C TYR B 235 18.03 -2.46 -25.73
N LEU B 236 16.77 -2.22 -26.07
CA LEU B 236 16.03 -3.17 -26.89
C LEU B 236 16.60 -3.17 -28.31
N LEU B 237 17.56 -2.27 -28.57
CA LEU B 237 18.20 -2.21 -29.88
C LEU B 237 19.16 -3.38 -30.05
N GLY B 238 19.42 -4.10 -28.97
CA GLY B 238 20.28 -5.26 -29.07
C GLY B 238 21.71 -5.14 -28.56
N SER B 239 22.16 -3.92 -28.33
CA SER B 239 23.52 -3.69 -27.83
C SER B 239 23.63 -2.29 -27.24
N PRO B 240 24.69 -2.04 -26.43
CA PRO B 240 24.88 -0.71 -25.82
C PRO B 240 24.78 0.37 -26.89
N VAL B 241 24.14 1.49 -26.55
CA VAL B 241 23.93 2.55 -27.51
C VAL B 241 24.81 3.80 -27.36
N LYS B 242 25.21 4.35 -28.51
CA LYS B 242 26.00 5.58 -28.54
C LYS B 242 25.18 6.57 -29.33
N GLY B 243 24.70 7.61 -28.64
CA GLY B 243 23.90 8.62 -29.30
C GLY B 243 23.37 9.65 -28.31
N LYS B 244 22.92 10.78 -28.85
CA LYS B 244 22.39 11.87 -28.05
C LYS B 244 20.88 11.87 -28.23
N PHE B 245 20.14 11.76 -27.13
CA PHE B 245 18.69 11.70 -27.17
C PHE B 245 18.00 12.81 -26.38
N TYR B 246 16.90 13.31 -26.94
CA TYR B 246 16.11 14.34 -26.29
C TYR B 246 14.65 13.91 -26.32
N SER B 247 14.06 13.71 -25.15
CA SER B 247 12.68 13.30 -25.08
C SER B 247 11.80 14.31 -24.36
N PHE B 248 10.76 14.77 -25.05
CA PHE B 248 9.81 15.71 -24.47
C PHE B 248 8.50 14.97 -24.24
N ARG B 249 8.19 14.73 -22.96
CA ARG B 249 6.97 14.04 -22.55
C ARG B 249 6.85 12.62 -23.09
N GLY B 250 7.99 12.01 -23.41
CA GLY B 250 7.96 10.66 -23.95
C GLY B 250 7.59 9.59 -22.94
N GLY B 251 7.19 8.44 -23.46
CA GLY B 251 6.81 7.30 -22.63
C GLY B 251 7.26 6.02 -23.33
N HIS B 252 6.97 4.87 -22.74
CA HIS B 252 7.38 3.60 -23.33
C HIS B 252 6.93 3.39 -24.78
N SER B 253 5.70 3.77 -25.11
CA SER B 253 5.21 3.62 -26.47
C SER B 253 6.07 4.40 -27.47
N LEU B 254 6.33 5.67 -27.17
CA LEU B 254 7.14 6.49 -28.07
C LEU B 254 8.59 6.04 -28.06
N ASN B 255 9.07 5.59 -26.89
CA ASN B 255 10.45 5.11 -26.78
C ASN B 255 10.64 3.91 -27.71
N VAL B 256 9.67 2.99 -27.69
CA VAL B 256 9.75 1.81 -28.54
C VAL B 256 9.59 2.18 -30.00
N LYS B 257 8.75 3.17 -30.27
CA LYS B 257 8.54 3.63 -31.64
C LYS B 257 9.89 4.11 -32.19
N LEU B 258 10.61 4.87 -31.38
CA LEU B 258 11.92 5.40 -31.77
C LEU B 258 12.91 4.27 -32.03
N VAL B 259 12.95 3.30 -31.13
CA VAL B 259 13.85 2.17 -31.27
C VAL B 259 13.59 1.44 -32.59
N LYS B 260 12.33 1.19 -32.89
CA LYS B 260 11.98 0.50 -34.13
C LYS B 260 12.35 1.29 -35.38
N GLU B 261 12.25 2.63 -35.32
CA GLU B 261 12.61 3.45 -36.46
C GLU B 261 14.12 3.42 -36.64
N LEU B 262 14.86 3.51 -35.53
CA LEU B 262 16.31 3.47 -35.58
C LEU B 262 16.76 2.14 -36.15
N ALA B 263 16.13 1.06 -35.69
CA ALA B 263 16.45 -0.29 -36.15
C ALA B 263 16.22 -0.42 -37.65
N LYS B 264 15.10 0.11 -38.14
CA LYS B 264 14.77 0.05 -39.56
C LYS B 264 15.86 0.72 -40.40
N LYS B 265 16.07 2.01 -40.16
CA LYS B 265 17.06 2.78 -40.90
C LYS B 265 18.42 2.09 -40.93
N GLN B 266 18.98 1.84 -39.75
CA GLN B 266 20.28 1.20 -39.64
C GLN B 266 20.15 -0.31 -39.52
ZN ZN C . -12.36 1.61 13.07
ZN ZN D . -30.57 -12.57 30.81
ZN ZN E . -3.92 13.23 13.96
AS CAC F . -9.76 3.28 13.09
O1 CAC F . -10.45 3.24 14.57
O2 CAC F . -10.81 2.55 12.07
C1 CAC F . -8.04 2.39 13.22
C2 CAC F . -9.59 5.10 12.68
S SO4 G . -11.05 8.95 14.85
O1 SO4 G . -12.34 8.39 15.30
O2 SO4 G . -11.29 10.18 14.08
O3 SO4 G . -10.21 9.25 16.02
O4 SO4 G . -10.36 7.96 14.00
CL CL H . -2.76 13.08 15.74
CL CL I . -5.57 14.29 13.79
C1 PAM J . -9.17 8.56 10.70
C1 PAM J . -11.02 9.15 9.86
O1 PAM J . -8.71 8.82 11.89
O1 PAM J . -11.18 9.57 11.07
O2 PAM J . -10.27 9.03 10.25
O2 PAM J . -11.99 8.91 9.09
C2 PAM J . -8.36 7.62 9.73
C2 PAM J . -9.59 8.92 9.27
C3 PAM J . -7.05 7.06 10.28
C3 PAM J . -8.39 9.22 10.20
C4 PAM J . -6.90 5.54 10.11
C4 PAM J . -8.03 8.06 11.13
C5 PAM J . -5.51 5.14 9.65
C5 PAM J . -6.74 7.35 10.72
C6 PAM J . -5.42 4.85 8.16
C6 PAM J . -6.95 6.00 10.03
C7 PAM J . -4.02 4.46 7.75
C7 PAM J . -5.64 5.35 9.65
C8 PAM J . -3.36 5.58 6.98
C8 PAM J . -5.47 5.27 8.15
C9 PAM J . -3.55 5.48 5.47
C9 PAM J . -4.18 4.59 7.71
C10 PAM J . -2.21 5.33 4.77
C10 PAM J . -3.40 5.46 6.73
C11 PAM J . -2.35 5.12 3.29
C11 PAM J . -3.79 5.24 5.28
C12 PAM J . -2.45 3.64 2.98
C12 PAM J . -2.59 4.88 4.45
C13 PAM J . -1.66 3.25 1.74
C13 PAM J . -2.95 3.88 3.35
C14 PAM J . -2.43 3.54 0.43
C14 PAM J . -2.39 4.26 1.95
C15 PAM J . -3.42 4.12 -0.50
C15 PAM J . -2.21 4.97 0.65
C16 PAM J . -4.14 5.31 -0.52
C16 PAM J . -1.42 6.04 0.20
C1 GOL K . -7.19 9.62 26.76
O1 GOL K . -6.47 10.14 25.42
C2 GOL K . -7.30 10.33 27.96
O2 GOL K . -8.57 10.40 28.37
C3 GOL K . -6.21 10.69 28.32
O3 GOL K . -4.66 10.91 28.33
ZN ZN L . 10.25 3.10 -14.67
ZN ZN M . -3.34 3.42 -19.32
AS CAC N . 7.34 2.20 -15.01
O1 CAC N . 8.27 1.82 -16.31
O2 CAC N . 8.29 3.04 -13.98
C1 CAC N . 5.79 3.32 -15.42
C2 CAC N . 6.85 0.66 -14.06
S SO4 O . 4.69 5.30 -19.66
O1 SO4 O . 3.93 6.57 -19.70
O2 SO4 O . 6.08 5.54 -20.11
O3 SO4 O . 4.70 4.77 -18.28
O4 SO4 O . 4.05 4.30 -20.55
CL CL P . -2.50 5.34 -20.58
C1 PAM Q . 2.19 5.54 -15.36
C1 PAM Q . 2.96 6.86 -14.52
O1 PAM Q . 2.60 4.83 -16.37
O1 PAM Q . 2.81 8.14 -14.62
O2 PAM Q . 1.96 6.79 -15.43
O2 PAM Q . 4.10 6.30 -14.38
C2 PAM Q . 1.95 4.86 -13.96
C2 PAM Q . 1.73 5.89 -14.57
C3 PAM Q . 2.22 3.36 -13.84
C3 PAM Q . 2.00 4.40 -14.28
C4 PAM Q . 3.10 2.96 -12.65
C4 PAM Q . 2.60 4.11 -12.89
C5 PAM Q . 2.40 1.98 -11.70
C5 PAM Q . 1.87 3.01 -12.14
C6 PAM Q . 1.84 2.65 -10.45
C6 PAM Q . 2.05 3.09 -10.62
C7 PAM Q . 1.16 1.64 -9.54
C7 PAM Q . 1.15 2.12 -9.90
C8 PAM Q . -0.20 2.14 -9.06
C8 PAM Q . -0.10 2.81 -9.38
C9 PAM Q . -0.16 3.16 -7.93
C9 PAM Q . 0.08 3.50 -8.02
C10 PAM Q . -0.04 2.49 -6.56
C10 PAM Q . -0.45 2.63 -6.89
C11 PAM Q . -1.24 2.73 -5.67
C11 PAM Q . -1.51 3.33 -6.07
C12 PAM Q . -0.89 3.67 -4.54
C12 PAM Q . -0.91 3.94 -4.82
C13 PAM Q . -2.13 4.32 -3.94
C13 PAM Q . -1.94 4.06 -3.70
C14 PAM Q . -1.93 5.82 -3.49
C14 PAM Q . -2.62 5.48 -3.63
C15 PAM Q . -2.23 7.19 -3.01
C15 PAM Q . -3.57 6.57 -3.31
C16 PAM Q . -3.38 8.00 -2.95
C16 PAM Q . -3.43 7.92 -3.00
#